data_7RZJ
#
_entry.id   7RZJ
#
_cell.length_a   65.719
_cell.length_b   65.719
_cell.length_c   238.484
_cell.angle_alpha   90.000
_cell.angle_beta   90.000
_cell.angle_gamma   90.000
#
_symmetry.space_group_name_H-M   'P 41 21 2'
#
loop_
_entity.id
_entity.type
_entity.pdbx_description
1 polymer 'HLA class I histocompatibility antigen, B-7 alpha chain'
2 polymer Beta-2-microglobulin
3 polymer 'MLL cleavage product N320 phosphopeptide'
4 branched beta-D-fructofuranose-(2-1)-alpha-D-glucopyranose
5 water water
#
loop_
_entity_poly.entity_id
_entity_poly.type
_entity_poly.pdbx_seq_one_letter_code
_entity_poly.pdbx_strand_id
1 'polypeptide(L)'
;GSHSMRYFYTSVSRPGRGEPRFISVGYVDDTQFVRFDSDAASPREEPRAPWIEQEGPEYWDRNTQIYKAQAQTDRESLRN
LRGYYNQSEAGSHTLQSMYGCDVGPDGRLLRGHDQYAYDGKDYIALNEDLRSWTAADTAAQITQRKWEAAREAEQRRAYL
EGECVEWLRRYLENGKDKLERADPPKTHVTHHPISDHEATLRCWALGFYPAEITLTWQRDGEDQTQDTELVETRPAGDRT
FQKWAAVVVPSGEEQRYTCHVQHEGLPKPLTLRWE
;
A
2 'polypeptide(L)'
;MIQRTPKIQVYSRHPAENGKSNFLNCYVSGFHPSDIEVDLLKNGERIEKVEHSDLSFSKDWSFYLLYYTEFTPTEKDEYA
CRVNHVTLSQPKIVKWDRDM
;
B
3 'polypeptide(L)' EPR(SEP)PSHSM E
#
loop_
_chem_comp.id
_chem_comp.type
_chem_comp.name
_chem_comp.formula
FRU D-saccharide, beta linking beta-D-fructofuranose 'C6 H12 O6'
GLC D-saccharide, alpha linking alpha-D-glucopyranose 'C6 H12 O6'
#
# COMPACT_ATOMS: atom_id res chain seq x y z
N GLY A 1 -19.96 6.10 -7.21
CA GLY A 1 -19.89 4.60 -7.05
C GLY A 1 -19.74 4.23 -5.59
N SER A 2 -19.30 2.99 -5.34
CA SER A 2 -18.98 2.51 -3.99
C SER A 2 -17.56 2.98 -3.59
N HIS A 3 -17.38 3.34 -2.32
CA HIS A 3 -16.11 3.88 -1.86
C HIS A 3 -15.78 3.36 -0.47
N SER A 4 -14.52 3.51 -0.10
N SER A 4 -14.51 3.50 -0.10
CA SER A 4 -14.06 3.10 1.21
CA SER A 4 -14.00 3.00 1.19
C SER A 4 -13.17 4.16 1.84
C SER A 4 -13.07 4.02 1.84
N MET A 5 -13.13 4.16 3.16
CA MET A 5 -12.10 4.92 3.89
C MET A 5 -11.41 3.92 4.84
N ARG A 6 -10.08 4.00 4.97
CA ARG A 6 -9.33 3.11 5.86
C ARG A 6 -8.21 3.86 6.53
N TYR A 7 -7.99 3.53 7.79
CA TYR A 7 -6.82 3.95 8.55
C TYR A 7 -5.99 2.69 8.88
N PHE A 8 -4.68 2.81 8.74
CA PHE A 8 -3.72 1.73 8.96
C PHE A 8 -2.69 2.21 9.98
N TYR A 9 -2.63 1.56 11.13
CA TYR A 9 -1.65 1.92 12.17
C TYR A 9 -0.63 0.83 12.29
N THR A 10 0.62 1.20 12.49
CA THR A 10 1.67 0.22 12.78
C THR A 10 2.48 0.74 13.96
N SER A 11 2.56 -0.07 15.02
CA SER A 11 3.43 0.21 16.17
C SER A 11 4.47 -0.88 16.30
N VAL A 12 5.73 -0.48 16.48
CA VAL A 12 6.83 -1.41 16.55
C VAL A 12 7.67 -1.12 17.78
N SER A 13 7.73 -2.07 18.69
CA SER A 13 8.46 -1.88 19.93
C SER A 13 9.96 -1.97 19.62
N ARG A 14 10.76 -1.37 20.48
CA ARG A 14 12.21 -1.34 20.38
C ARG A 14 12.79 -1.21 21.80
N PRO A 15 12.60 -2.26 22.63
CA PRO A 15 12.97 -2.15 24.06
C PRO A 15 14.44 -1.78 24.22
N GLY A 16 14.69 -0.79 25.04
CA GLY A 16 16.05 -0.31 25.25
C GLY A 16 16.34 0.95 24.45
N ARG A 17 15.50 1.26 23.46
CA ARG A 17 15.70 2.41 22.60
C ARG A 17 14.57 3.43 22.68
N GLY A 18 13.68 3.23 23.65
CA GLY A 18 12.59 4.14 23.89
C GLY A 18 11.22 3.59 23.54
N GLU A 19 10.28 4.48 23.41
CA GLU A 19 8.88 4.10 23.16
C GLU A 19 8.72 3.59 21.74
N PRO A 20 7.69 2.75 21.53
CA PRO A 20 7.49 2.20 20.18
C PRO A 20 7.31 3.30 19.13
N ARG A 21 7.75 3.02 17.92
CA ARG A 21 7.45 3.89 16.81
C ARG A 21 6.01 3.64 16.36
N PHE A 22 5.21 4.69 16.27
CA PHE A 22 3.82 4.63 15.76
C PHE A 22 3.71 5.40 14.46
N ILE A 23 3.20 4.72 13.44
CA ILE A 23 2.92 5.35 12.14
C ILE A 23 1.49 5.10 11.74
N SER A 24 0.80 6.13 11.30
CA SER A 24 -0.55 5.97 10.78
CA SER A 24 -0.56 5.96 10.79
C SER A 24 -0.64 6.55 9.39
N VAL A 25 -1.45 5.90 8.55
CA VAL A 25 -1.75 6.46 7.24
C VAL A 25 -3.24 6.30 7.04
N GLY A 26 -3.86 7.25 6.35
CA GLY A 26 -5.27 7.21 6.00
C GLY A 26 -5.45 7.17 4.48
N TYR A 27 -6.43 6.40 4.00
CA TYR A 27 -6.74 6.23 2.58
C TYR A 27 -8.22 6.45 2.30
N VAL A 28 -8.50 7.02 1.15
CA VAL A 28 -9.83 7.03 0.60
C VAL A 28 -9.60 6.18 -0.67
N ASP A 29 -10.24 5.04 -0.76
CA ASP A 29 -10.03 4.14 -1.86
C ASP A 29 -8.51 3.86 -1.94
N ASP A 30 -7.91 4.06 -3.10
CA ASP A 30 -6.52 3.82 -3.34
C ASP A 30 -5.63 5.05 -3.16
N THR A 31 -6.19 6.14 -2.63
CA THR A 31 -5.48 7.41 -2.45
C THR A 31 -5.11 7.65 -0.99
N GLN A 32 -3.82 7.70 -0.67
CA GLN A 32 -3.41 8.10 0.66
C GLN A 32 -3.64 9.58 0.82
N PHE A 33 -4.22 9.99 1.95
CA PHE A 33 -4.50 11.43 2.18
C PHE A 33 -3.92 12.04 3.45
N VAL A 34 -3.55 11.22 4.42
CA VAL A 34 -2.92 11.73 5.64
C VAL A 34 -1.88 10.75 6.16
N ARG A 35 -0.96 11.26 6.96
CA ARG A 35 0.03 10.45 7.67
CA ARG A 35 -0.02 10.43 7.70
C ARG A 35 0.34 11.05 9.04
N PHE A 36 0.83 10.20 9.93
CA PHE A 36 1.41 10.61 11.21
C PHE A 36 2.57 9.67 11.54
N ASP A 37 3.68 10.24 11.99
CA ASP A 37 4.81 9.47 12.41
C ASP A 37 5.28 9.99 13.77
N SER A 38 5.30 9.12 14.77
CA SER A 38 5.69 9.49 16.13
C SER A 38 7.17 9.88 16.24
N ASP A 39 7.98 9.50 15.26
CA ASP A 39 9.41 9.81 15.25
C ASP A 39 9.70 11.12 14.51
N ALA A 40 8.68 11.79 13.98
CA ALA A 40 8.89 13.10 13.34
C ALA A 40 9.35 14.16 14.35
N ALA A 41 9.88 15.28 13.88
CA ALA A 41 10.45 16.31 14.78
C ALA A 41 9.39 16.86 15.74
N SER A 42 8.29 17.34 15.15
CA SER A 42 7.13 17.83 15.92
C SER A 42 5.91 17.09 15.37
N PRO A 43 5.69 15.85 15.84
CA PRO A 43 4.70 15.00 15.20
C PRO A 43 3.33 15.62 15.11
N ARG A 44 2.76 15.62 13.89
CA ARG A 44 1.40 16.05 13.67
C ARG A 44 0.88 15.30 12.45
N GLU A 45 -0.43 15.22 12.35
CA GLU A 45 -1.06 14.70 11.14
C GLU A 45 -0.68 15.64 9.99
N GLU A 46 -0.27 15.08 8.86
CA GLU A 46 0.15 15.86 7.68
C GLU A 46 -0.68 15.45 6.47
N PRO A 47 -0.98 16.41 5.60
CA PRO A 47 -1.70 16.09 4.37
C PRO A 47 -0.82 15.35 3.37
N ARG A 48 -1.43 14.43 2.62
CA ARG A 48 -0.71 13.71 1.57
CA ARG A 48 -0.72 13.68 1.57
C ARG A 48 -1.47 13.67 0.25
N ALA A 49 -2.60 14.39 0.18
CA ALA A 49 -3.36 14.56 -1.06
C ALA A 49 -3.81 16.01 -1.13
N PRO A 50 -3.92 16.59 -2.35
CA PRO A 50 -4.21 18.04 -2.39
C PRO A 50 -5.56 18.42 -1.79
N TRP A 51 -6.54 17.54 -1.92
CA TRP A 51 -7.90 17.89 -1.56
C TRP A 51 -8.20 17.94 -0.06
N ILE A 52 -7.28 17.42 0.76
CA ILE A 52 -7.46 17.45 2.22
C ILE A 52 -6.90 18.74 2.81
N GLU A 53 -6.09 19.48 2.02
CA GLU A 53 -5.37 20.64 2.56
C GLU A 53 -6.30 21.73 3.07
N GLN A 54 -7.51 21.77 2.51
CA GLN A 54 -8.47 22.78 2.84
C GLN A 54 -9.08 22.62 4.22
N GLU A 55 -8.89 21.47 4.87
CA GLU A 55 -9.44 21.32 6.21
C GLU A 55 -8.77 22.31 7.15
N GLY A 56 -9.57 22.88 8.05
CA GLY A 56 -9.09 23.94 8.95
C GLY A 56 -8.16 23.46 10.07
N PRO A 57 -7.59 24.41 10.83
CA PRO A 57 -6.67 24.06 11.93
C PRO A 57 -7.28 23.16 13.01
N GLU A 58 -8.58 23.23 13.23
CA GLU A 58 -9.22 22.40 14.26
C GLU A 58 -9.18 20.90 13.88
N TYR A 59 -9.26 20.63 12.58
CA TYR A 59 -9.15 19.25 12.04
C TYR A 59 -7.78 18.66 12.36
N TRP A 60 -6.72 19.34 11.93
CA TRP A 60 -5.36 18.86 12.11
C TRP A 60 -5.00 18.72 13.59
N ASP A 61 -5.41 19.71 14.39
CA ASP A 61 -5.14 19.67 15.84
C ASP A 61 -5.85 18.53 16.55
N ARG A 62 -7.11 18.30 16.23
CA ARG A 62 -7.84 17.23 16.84
C ARG A 62 -7.23 15.88 16.46
N ASN A 63 -6.92 15.68 15.18
CA ASN A 63 -6.39 14.38 14.75
C ASN A 63 -4.99 14.10 15.31
N THR A 64 -4.16 15.12 15.37
CA THR A 64 -2.84 14.98 15.98
C THR A 64 -2.92 14.47 17.42
N GLN A 65 -3.84 15.03 18.21
CA GLN A 65 -3.99 14.60 19.61
C GLN A 65 -4.46 13.16 19.69
N ILE A 66 -5.33 12.78 18.76
CA ILE A 66 -5.80 11.39 18.68
C ILE A 66 -4.62 10.43 18.45
N TYR A 67 -3.80 10.71 17.46
CA TYR A 67 -2.66 9.82 17.17
C TYR A 67 -1.67 9.77 18.32
N LYS A 68 -1.38 10.90 18.96
CA LYS A 68 -0.46 10.88 20.13
C LYS A 68 -1.01 9.98 21.26
N ALA A 69 -2.31 10.04 21.51
CA ALA A 69 -2.95 9.20 22.53
C ALA A 69 -2.96 7.74 22.09
N GLN A 70 -3.25 7.51 20.81
CA GLN A 70 -3.27 6.12 20.32
C GLN A 70 -1.89 5.47 20.39
N ALA A 71 -0.83 6.24 20.13
CA ALA A 71 0.52 5.71 20.23
C ALA A 71 0.80 5.22 21.66
N GLN A 72 0.35 6.00 22.64
CA GLN A 72 0.55 5.63 24.04
C GLN A 72 -0.27 4.38 24.37
N THR A 73 -1.49 4.31 23.84
CA THR A 73 -2.32 3.12 24.04
C THR A 73 -1.71 1.86 23.42
N ASP A 74 -1.23 1.98 22.19
CA ASP A 74 -0.55 0.87 21.51
C ASP A 74 0.68 0.40 22.29
N ARG A 75 1.42 1.35 22.88
CA ARG A 75 2.57 1.00 23.73
C ARG A 75 2.12 0.12 24.91
N GLU A 76 1.00 0.49 25.54
CA GLU A 76 0.48 -0.33 26.64
CA GLU A 76 0.45 -0.32 26.63
C GLU A 76 -0.02 -1.70 26.11
N SER A 77 -0.68 -1.72 24.97
CA SER A 77 -1.09 -2.98 24.35
C SER A 77 0.09 -3.90 24.04
N LEU A 78 1.17 -3.35 23.49
CA LEU A 78 2.37 -4.15 23.22
C LEU A 78 2.96 -4.75 24.50
N ARG A 79 2.96 -3.96 25.57
CA ARG A 79 3.40 -4.50 26.87
C ARG A 79 2.47 -5.62 27.36
N ASN A 80 1.17 -5.45 27.17
CA ASN A 80 0.21 -6.47 27.63
C ASN A 80 0.34 -7.74 26.83
N LEU A 81 0.48 -7.59 25.51
CA LEU A 81 0.59 -8.71 24.57
CA LEU A 81 0.57 -8.74 24.62
C LEU A 81 1.82 -9.59 24.83
N ARG A 82 2.97 -8.99 25.08
CA ARG A 82 4.13 -9.82 25.31
C ARG A 82 3.94 -10.60 26.63
N GLY A 83 3.24 -10.01 27.58
CA GLY A 83 2.84 -10.70 28.82
C GLY A 83 1.89 -11.85 28.55
N TYR A 84 0.84 -11.63 27.75
CA TYR A 84 -0.09 -12.73 27.38
C TYR A 84 0.62 -13.90 26.73
N TYR A 85 1.62 -13.66 25.88
CA TYR A 85 2.32 -14.73 25.16
C TYR A 85 3.61 -15.22 25.85
N ASN A 86 3.87 -14.69 27.04
CA ASN A 86 5.05 -15.01 27.83
C ASN A 86 6.34 -14.78 27.03
N GLN A 87 6.42 -13.64 26.34
CA GLN A 87 7.58 -13.37 25.49
C GLN A 87 8.65 -12.55 26.21
N SER A 88 9.87 -12.62 25.69
CA SER A 88 10.96 -11.83 26.24
C SER A 88 10.65 -10.32 26.19
N GLU A 89 11.02 -9.60 27.25
CA GLU A 89 10.90 -8.14 27.26
C GLU A 89 12.01 -7.41 26.48
N ALA A 90 12.95 -8.17 25.92
CA ALA A 90 14.04 -7.60 25.10
C ALA A 90 13.71 -7.45 23.62
N GLY A 91 12.74 -8.21 23.11
CA GLY A 91 12.53 -8.30 21.66
C GLY A 91 11.60 -7.24 21.10
N SER A 92 11.69 -7.02 19.79
CA SER A 92 10.83 -6.11 19.08
C SER A 92 9.63 -6.88 18.52
N HIS A 93 8.45 -6.27 18.66
CA HIS A 93 7.20 -6.86 18.19
C HIS A 93 6.37 -5.80 17.50
N THR A 94 5.39 -6.25 16.72
CA THR A 94 4.59 -5.37 15.87
C THR A 94 3.10 -5.52 16.17
N LEU A 95 2.43 -4.40 16.31
CA LEU A 95 0.96 -4.35 16.44
C LEU A 95 0.44 -3.51 15.30
N GLN A 96 -0.43 -4.09 14.50
CA GLN A 96 -1.06 -3.38 13.37
C GLN A 96 -2.55 -3.33 13.59
N SER A 97 -3.13 -2.21 13.17
CA SER A 97 -4.57 -1.95 13.31
C SER A 97 -5.08 -1.47 11.98
N MET A 98 -6.28 -1.89 11.60
CA MET A 98 -6.89 -1.42 10.35
CA MET A 98 -6.87 -1.53 10.31
C MET A 98 -8.36 -1.28 10.60
N TYR A 99 -8.90 -0.13 10.20
CA TYR A 99 -10.32 0.10 10.39
C TYR A 99 -10.86 1.05 9.35
N GLY A 100 -12.18 1.04 9.20
CA GLY A 100 -12.84 1.91 8.29
C GLY A 100 -14.17 1.39 7.77
N CYS A 101 -14.66 2.09 6.77
CA CYS A 101 -16.00 1.89 6.27
C CYS A 101 -16.04 1.71 4.75
N ASP A 102 -16.98 0.91 4.30
CA ASP A 102 -17.28 0.73 2.87
C ASP A 102 -18.69 1.31 2.69
N VAL A 103 -18.87 2.23 1.75
CA VAL A 103 -20.20 2.80 1.51
C VAL A 103 -20.64 2.59 0.07
N GLY A 104 -21.94 2.57 -0.15
CA GLY A 104 -22.50 2.41 -1.49
C GLY A 104 -22.60 3.75 -2.19
N PRO A 105 -23.13 3.76 -3.43
CA PRO A 105 -23.33 5.00 -4.20
C PRO A 105 -24.16 6.05 -3.48
N ASP A 106 -25.14 5.63 -2.68
CA ASP A 106 -25.96 6.58 -1.89
C ASP A 106 -25.23 7.16 -0.67
N GLY A 107 -24.04 6.66 -0.36
CA GLY A 107 -23.28 7.12 0.80
C GLY A 107 -23.64 6.42 2.09
N ARG A 108 -24.46 5.37 2.00
CA ARG A 108 -24.86 4.60 3.19
C ARG A 108 -23.83 3.51 3.50
N LEU A 109 -23.72 3.15 4.77
CA LEU A 109 -22.73 2.18 5.21
C LEU A 109 -23.13 0.81 4.73
N LEU A 110 -22.22 0.14 4.02
CA LEU A 110 -22.39 -1.26 3.63
C LEU A 110 -21.71 -2.17 4.61
N ARG A 111 -20.52 -1.77 5.08
CA ARG A 111 -19.72 -2.66 5.92
C ARG A 111 -18.73 -1.86 6.75
N GLY A 112 -18.59 -2.23 8.01
CA GLY A 112 -17.58 -1.61 8.89
C GLY A 112 -16.50 -2.61 9.22
N HIS A 113 -15.30 -2.09 9.49
CA HIS A 113 -14.12 -2.94 9.78
C HIS A 113 -13.35 -2.36 10.96
N ASP A 114 -12.86 -3.24 11.83
CA ASP A 114 -11.97 -2.84 12.92
C ASP A 114 -11.21 -4.07 13.37
N GLN A 115 -9.94 -4.20 12.93
CA GLN A 115 -9.21 -5.40 13.21
C GLN A 115 -7.72 -5.20 13.42
N TYR A 116 -7.10 -6.24 13.96
CA TYR A 116 -5.74 -6.13 14.56
C TYR A 116 -4.92 -7.37 14.30
N ALA A 117 -3.61 -7.15 14.14
CA ALA A 117 -2.68 -8.23 13.96
C ALA A 117 -1.48 -8.02 14.87
N TYR A 118 -0.99 -9.11 15.45
CA TYR A 118 0.19 -9.09 16.29
C TYR A 118 1.28 -9.93 15.66
N ASP A 119 2.45 -9.33 15.45
CA ASP A 119 3.54 -9.99 14.75
C ASP A 119 3.08 -10.62 13.43
N GLY A 120 2.26 -9.88 12.70
CA GLY A 120 1.85 -10.27 11.34
C GLY A 120 0.74 -11.28 11.27
N LYS A 121 0.19 -11.68 12.42
CA LYS A 121 -0.86 -12.69 12.52
C LYS A 121 -2.16 -12.06 13.06
N ASP A 122 -3.28 -12.37 12.42
CA ASP A 122 -4.57 -11.91 12.92
C ASP A 122 -4.75 -12.24 14.39
N TYR A 123 -5.20 -11.23 15.14
CA TYR A 123 -5.29 -11.30 16.58
C TYR A 123 -6.75 -11.19 17.04
N ILE A 124 -7.40 -10.09 16.72
CA ILE A 124 -8.81 -9.87 17.08
C ILE A 124 -9.44 -9.00 16.00
N ALA A 125 -10.73 -9.21 15.75
CA ALA A 125 -11.46 -8.47 14.72
C ALA A 125 -12.94 -8.25 15.12
N LEU A 126 -13.45 -7.07 14.80
CA LEU A 126 -14.85 -6.75 15.04
C LEU A 126 -15.63 -7.44 13.97
N ASN A 127 -16.69 -8.14 14.38
CA ASN A 127 -17.55 -8.84 13.43
C ASN A 127 -18.39 -7.89 12.60
N GLU A 128 -18.92 -8.42 11.51
CA GLU A 128 -19.82 -7.69 10.60
C GLU A 128 -20.99 -7.02 11.33
N ASP A 129 -21.48 -7.64 12.39
CA ASP A 129 -22.60 -7.06 13.17
C ASP A 129 -22.24 -5.78 13.94
N LEU A 130 -20.94 -5.45 13.98
CA LEU A 130 -20.43 -4.28 14.66
C LEU A 130 -20.73 -4.30 16.16
N ARG A 131 -20.94 -5.51 16.69
CA ARG A 131 -21.37 -5.63 18.09
C ARG A 131 -20.57 -6.68 18.88
N SER A 132 -19.86 -7.57 18.18
CA SER A 132 -19.17 -8.69 18.79
C SER A 132 -17.78 -8.84 18.18
N TRP A 133 -16.90 -9.54 18.90
CA TRP A 133 -15.51 -9.73 18.49
C TRP A 133 -15.25 -11.17 18.13
N THR A 134 -14.32 -11.39 17.21
CA THR A 134 -13.70 -12.70 17.02
C THR A 134 -12.22 -12.69 17.40
N ALA A 135 -11.87 -13.55 18.36
CA ALA A 135 -10.52 -13.68 18.89
C ALA A 135 -9.79 -14.90 18.30
N ALA A 136 -8.52 -14.72 17.96
CA ALA A 136 -7.76 -15.76 17.25
C ALA A 136 -7.25 -16.89 18.16
N ASP A 137 -7.06 -16.58 19.44
CA ASP A 137 -6.47 -17.52 20.42
C ASP A 137 -6.77 -17.08 21.86
N THR A 138 -6.27 -17.82 22.86
CA THR A 138 -6.61 -17.47 24.24
C THR A 138 -6.02 -16.15 24.72
N ALA A 139 -4.90 -15.73 24.17
CA ALA A 139 -4.42 -14.35 24.43
C ALA A 139 -5.45 -13.31 24.00
N ALA A 140 -5.89 -13.42 22.76
CA ALA A 140 -6.88 -12.50 22.22
C ALA A 140 -8.21 -12.54 22.97
N GLN A 141 -8.54 -13.67 23.60
CA GLN A 141 -9.75 -13.75 24.43
C GLN A 141 -9.64 -12.90 25.67
N ILE A 142 -8.42 -12.71 26.17
CA ILE A 142 -8.21 -11.77 27.26
C ILE A 142 -8.59 -10.35 26.82
N THR A 143 -8.09 -9.97 25.64
CA THR A 143 -8.42 -8.68 25.10
C THR A 143 -9.93 -8.60 24.87
N GLN A 144 -10.51 -9.64 24.29
CA GLN A 144 -11.96 -9.67 24.03
C GLN A 144 -12.78 -9.39 25.29
N ARG A 145 -12.45 -10.07 26.38
CA ARG A 145 -13.16 -9.84 27.64
C ARG A 145 -12.99 -8.44 28.17
N LYS A 146 -11.78 -7.88 28.10
CA LYS A 146 -11.55 -6.50 28.46
C LYS A 146 -12.44 -5.57 27.63
N TRP A 147 -12.44 -5.79 26.31
CA TRP A 147 -13.19 -4.90 25.41
C TRP A 147 -14.71 -5.10 25.55
N GLU A 148 -15.15 -6.32 25.82
CA GLU A 148 -16.58 -6.55 26.14
C GLU A 148 -17.00 -5.80 27.39
N ALA A 149 -16.21 -5.89 28.46
CA ALA A 149 -16.53 -5.16 29.68
C ALA A 149 -16.50 -3.64 29.48
N ALA A 150 -15.58 -3.15 28.65
CA ALA A 150 -15.50 -1.71 28.39
C ALA A 150 -16.49 -1.18 27.32
N ARG A 151 -17.27 -2.08 26.73
CA ARG A 151 -18.20 -1.73 25.65
C ARG A 151 -17.46 -1.07 24.48
N GLU A 152 -16.29 -1.61 24.14
CA GLU A 152 -15.50 -1.06 23.05
C GLU A 152 -16.20 -1.16 21.70
N ALA A 153 -16.95 -2.23 21.47
CA ALA A 153 -17.59 -2.43 20.16
C ALA A 153 -18.60 -1.30 19.90
N GLU A 154 -19.29 -0.86 20.95
CA GLU A 154 -20.19 0.28 20.78
C GLU A 154 -19.46 1.55 20.38
N GLN A 155 -18.27 1.78 20.93
CA GLN A 155 -17.44 2.93 20.57
C GLN A 155 -17.03 2.82 19.09
N ARG A 156 -16.66 1.63 18.64
CA ARG A 156 -16.29 1.41 17.24
C ARG A 156 -17.52 1.59 16.35
N ARG A 157 -18.67 1.05 16.76
CA ARG A 157 -19.88 1.11 15.92
C ARG A 157 -20.28 2.56 15.71
N ALA A 158 -20.22 3.34 16.78
CA ALA A 158 -20.58 4.75 16.71
C ALA A 158 -19.74 5.48 15.68
N TYR A 159 -18.42 5.26 15.69
CA TYR A 159 -17.53 5.83 14.67
C TYR A 159 -17.83 5.33 13.24
N LEU A 160 -17.97 4.02 13.09
CA LEU A 160 -18.07 3.42 11.78
C LEU A 160 -19.39 3.82 11.09
N GLU A 161 -20.47 3.95 11.87
CA GLU A 161 -21.78 4.35 11.34
C GLU A 161 -21.97 5.86 11.24
N GLY A 162 -21.19 6.60 12.02
CA GLY A 162 -21.30 8.05 12.10
C GLY A 162 -20.18 8.78 11.40
N GLU A 163 -19.15 9.14 12.15
CA GLU A 163 -18.03 9.91 11.66
C GLU A 163 -17.39 9.31 10.41
N CYS A 164 -17.25 8.00 10.36
CA CYS A 164 -16.52 7.38 9.24
C CYS A 164 -17.27 7.72 7.95
N VAL A 165 -18.57 7.41 7.95
CA VAL A 165 -19.44 7.65 6.80
C VAL A 165 -19.53 9.12 6.43
N GLU A 166 -19.66 9.98 7.44
CA GLU A 166 -19.88 11.41 7.21
C GLU A 166 -18.64 12.11 6.67
N TRP A 167 -17.49 11.79 7.26
CA TRP A 167 -16.24 12.31 6.75
C TRP A 167 -15.86 11.74 5.38
N LEU A 168 -16.14 10.45 5.14
CA LEU A 168 -15.90 9.90 3.78
C LEU A 168 -16.74 10.66 2.73
N ARG A 169 -18.01 10.90 3.04
CA ARG A 169 -18.86 11.67 2.14
C ARG A 169 -18.25 13.05 1.85
N ARG A 170 -17.77 13.71 2.87
CA ARG A 170 -17.14 14.99 2.71
C ARG A 170 -15.86 14.95 1.87
N TYR A 171 -15.01 13.96 2.07
CA TYR A 171 -13.77 13.84 1.29
C TYR A 171 -14.06 13.62 -0.20
N LEU A 172 -15.07 12.82 -0.49
CA LEU A 172 -15.51 12.59 -1.86
C LEU A 172 -16.00 13.88 -2.53
N GLU A 173 -16.78 14.69 -1.81
CA GLU A 173 -17.24 15.99 -2.30
C GLU A 173 -16.08 16.94 -2.58
N ASN A 174 -15.11 16.97 -1.70
CA ASN A 174 -13.93 17.76 -1.86
C ASN A 174 -12.95 17.24 -2.92
N GLY A 175 -12.80 15.94 -2.96
CA GLY A 175 -11.96 15.24 -3.90
C GLY A 175 -12.45 15.33 -5.34
N LYS A 176 -13.74 15.28 -5.49
CA LYS A 176 -14.38 15.39 -6.77
C LYS A 176 -13.91 14.37 -7.76
N ASP A 177 -13.51 14.84 -8.93
CA ASP A 177 -13.12 13.97 -10.00
C ASP A 177 -11.92 13.10 -9.66
N LYS A 178 -11.00 13.62 -8.88
CA LYS A 178 -9.84 12.85 -8.49
C LYS A 178 -10.22 11.56 -7.77
N LEU A 179 -11.34 11.55 -7.07
CA LEU A 179 -11.78 10.37 -6.33
C LEU A 179 -12.97 9.66 -6.96
N GLU A 180 -13.86 10.40 -7.62
CA GLU A 180 -15.11 9.81 -8.15
C GLU A 180 -15.01 9.28 -9.57
N ARG A 181 -14.08 9.82 -10.35
CA ARG A 181 -13.95 9.49 -11.79
C ARG A 181 -12.62 8.75 -12.07
N ALA A 182 -12.73 7.50 -12.51
CA ALA A 182 -11.55 6.69 -12.79
C ALA A 182 -10.74 7.26 -13.95
N ASP A 183 -9.42 7.20 -13.83
CA ASP A 183 -8.50 7.62 -14.88
C ASP A 183 -8.06 6.36 -15.65
N PRO A 184 -8.44 6.25 -16.93
CA PRO A 184 -8.10 5.04 -17.66
C PRO A 184 -6.61 4.95 -17.94
N PRO A 185 -6.11 3.75 -18.21
CA PRO A 185 -4.70 3.59 -18.51
C PRO A 185 -4.31 4.16 -19.89
N LYS A 186 -3.10 4.69 -19.97
CA LYS A 186 -2.42 4.90 -21.24
C LYS A 186 -1.76 3.58 -21.57
N THR A 187 -1.97 3.10 -22.79
CA THR A 187 -1.56 1.74 -23.14
C THR A 187 -0.68 1.69 -24.38
N HIS A 188 0.20 0.71 -24.43
CA HIS A 188 1.01 0.47 -25.63
C HIS A 188 1.63 -0.91 -25.59
N VAL A 189 1.99 -1.43 -26.76
CA VAL A 189 2.65 -2.74 -26.86
C VAL A 189 4.07 -2.51 -27.35
N THR A 190 5.04 -3.15 -26.68
CA THR A 190 6.42 -3.15 -27.13
C THR A 190 6.85 -4.57 -27.57
N HIS A 191 7.87 -4.63 -28.42
CA HIS A 191 8.34 -5.86 -29.02
C HIS A 191 9.86 -5.94 -28.82
N HIS A 192 10.32 -7.07 -28.34
CA HIS A 192 11.74 -7.28 -27.98
C HIS A 192 12.19 -8.66 -28.50
N PRO A 193 12.92 -8.69 -29.62
CA PRO A 193 13.47 -9.96 -30.10
C PRO A 193 14.36 -10.59 -29.04
N ILE A 194 14.22 -11.88 -28.85
CA ILE A 194 15.08 -12.67 -27.97
C ILE A 194 16.12 -13.42 -28.83
N SER A 195 15.68 -13.88 -30.00
CA SER A 195 16.53 -14.62 -30.95
C SER A 195 15.93 -14.49 -32.33
N ASP A 196 16.44 -15.24 -33.30
CA ASP A 196 15.89 -15.26 -34.64
C ASP A 196 14.54 -15.96 -34.69
N HIS A 197 14.25 -16.77 -33.67
CA HIS A 197 13.04 -17.55 -33.60
C HIS A 197 11.98 -17.09 -32.59
N GLU A 198 12.33 -16.24 -31.62
CA GLU A 198 11.39 -15.86 -30.52
C GLU A 198 11.47 -14.36 -30.22
N ALA A 199 10.34 -13.78 -29.83
CA ALA A 199 10.29 -12.38 -29.40
C ALA A 199 9.30 -12.23 -28.28
N THR A 200 9.52 -11.22 -27.43
CA THR A 200 8.62 -10.86 -26.34
C THR A 200 7.69 -9.74 -26.82
N LEU A 201 6.40 -9.93 -26.62
CA LEU A 201 5.42 -8.84 -26.73
C LEU A 201 5.04 -8.48 -25.31
N ARG A 202 5.14 -7.19 -25.00
CA ARG A 202 4.81 -6.70 -23.66
C ARG A 202 3.75 -5.62 -23.80
N CYS A 203 2.67 -5.84 -23.08
CA CYS A 203 1.54 -4.92 -23.06
C CYS A 203 1.57 -4.07 -21.80
N TRP A 204 1.57 -2.76 -21.97
CA TRP A 204 1.77 -1.80 -20.90
C TRP A 204 0.49 -1.01 -20.58
N ALA A 205 0.20 -0.86 -19.29
CA ALA A 205 -0.85 0.03 -18.80
C ALA A 205 -0.24 0.97 -17.78
N LEU A 206 -0.31 2.27 -18.08
CA LEU A 206 0.36 3.31 -17.28
C LEU A 206 -0.63 4.41 -16.90
N GLY A 207 -0.41 5.01 -15.74
CA GLY A 207 -1.15 6.21 -15.34
C GLY A 207 -2.61 5.99 -15.00
N PHE A 208 -2.95 4.79 -14.55
CA PHE A 208 -4.37 4.51 -14.28
C PHE A 208 -4.72 4.64 -12.80
N TYR A 209 -5.99 4.89 -12.54
CA TYR A 209 -6.52 5.00 -11.16
C TYR A 209 -8.01 4.67 -11.22
N PRO A 210 -8.53 3.77 -10.39
CA PRO A 210 -7.82 3.11 -9.28
C PRO A 210 -6.95 1.94 -9.72
N ALA A 211 -6.40 1.22 -8.76
CA ALA A 211 -5.40 0.19 -9.06
C ALA A 211 -5.93 -1.07 -9.72
N GLU A 212 -7.20 -1.40 -9.48
CA GLU A 212 -7.80 -2.60 -10.05
C GLU A 212 -7.74 -2.54 -11.59
N ILE A 213 -7.21 -3.60 -12.19
CA ILE A 213 -7.06 -3.69 -13.64
C ILE A 213 -6.90 -5.15 -14.02
N THR A 214 -7.24 -5.51 -15.25
CA THR A 214 -6.93 -6.85 -15.78
C THR A 214 -6.25 -6.69 -17.14
N LEU A 215 -5.12 -7.37 -17.31
CA LEU A 215 -4.37 -7.42 -18.58
C LEU A 215 -4.25 -8.85 -18.96
N THR A 216 -4.66 -9.20 -20.17
CA THR A 216 -4.54 -10.60 -20.65
C THR A 216 -4.10 -10.64 -22.10
N TRP A 217 -3.24 -11.60 -22.44
CA TRP A 217 -2.86 -11.83 -23.83
C TRP A 217 -3.73 -12.95 -24.37
N GLN A 218 -4.17 -12.80 -25.61
CA GLN A 218 -4.90 -13.85 -26.33
C GLN A 218 -4.18 -14.15 -27.61
N ARG A 219 -4.23 -15.42 -28.00
CA ARG A 219 -3.76 -15.86 -29.31
C ARG A 219 -5.02 -16.31 -30.03
N ASP A 220 -5.30 -15.72 -31.20
CA ASP A 220 -6.61 -15.91 -31.85
C ASP A 220 -7.79 -15.93 -30.89
N GLY A 221 -7.85 -14.97 -29.98
CA GLY A 221 -8.97 -14.95 -29.04
C GLY A 221 -9.04 -16.05 -27.97
N GLU A 222 -7.96 -16.81 -27.79
CA GLU A 222 -7.86 -17.76 -26.68
C GLU A 222 -6.88 -17.20 -25.63
N ASP A 223 -7.33 -17.05 -24.38
CA ASP A 223 -6.46 -16.57 -23.29
C ASP A 223 -5.18 -17.39 -23.20
N GLN A 224 -4.05 -16.71 -23.00
CA GLN A 224 -2.73 -17.35 -22.90
C GLN A 224 -2.27 -17.36 -21.44
N THR A 225 -3.22 -17.66 -20.56
CA THR A 225 -3.03 -17.54 -19.10
C THR A 225 -1.77 -18.25 -18.62
N GLN A 226 -1.61 -19.53 -18.94
CA GLN A 226 -0.45 -20.29 -18.48
C GLN A 226 0.91 -19.87 -19.07
N ASP A 227 0.92 -19.03 -20.11
CA ASP A 227 2.19 -18.60 -20.75
C ASP A 227 2.51 -17.09 -20.67
N THR A 228 1.73 -16.36 -19.87
CA THR A 228 1.91 -14.92 -19.73
C THR A 228 2.68 -14.59 -18.44
N GLU A 229 3.72 -13.76 -18.56
CA GLU A 229 4.40 -13.17 -17.41
C GLU A 229 3.65 -11.87 -17.03
N LEU A 230 3.18 -11.77 -15.79
CA LEU A 230 2.41 -10.61 -15.33
C LEU A 230 3.11 -10.04 -14.11
N VAL A 231 3.41 -8.75 -14.09
CA VAL A 231 4.01 -8.14 -12.89
C VAL A 231 2.88 -7.69 -11.97
N GLU A 232 3.15 -7.61 -10.68
CA GLU A 232 2.16 -7.08 -9.74
C GLU A 232 1.94 -5.60 -10.02
N THR A 233 0.69 -5.15 -9.87
CA THR A 233 0.38 -3.73 -10.03
C THR A 233 1.22 -2.90 -9.04
N ARG A 234 1.77 -1.79 -9.52
CA ARG A 234 2.77 -1.03 -8.79
C ARG A 234 2.50 0.48 -8.91
N PRO A 235 2.84 1.24 -7.87
CA PRO A 235 2.57 2.67 -7.88
C PRO A 235 3.57 3.46 -8.70
N ALA A 236 3.07 4.43 -9.46
CA ALA A 236 3.94 5.27 -10.27
C ALA A 236 4.65 6.31 -9.38
N GLY A 237 4.01 6.63 -8.26
CA GLY A 237 4.49 7.62 -7.32
C GLY A 237 3.79 8.94 -7.39
N ASP A 238 2.89 9.09 -8.38
CA ASP A 238 2.10 10.30 -8.53
C ASP A 238 0.62 10.02 -8.32
N ARG A 239 0.35 8.99 -7.55
N ARG A 239 0.31 9.01 -7.53
CA ARG A 239 -0.97 8.57 -7.20
CA ARG A 239 -1.03 8.59 -7.21
C ARG A 239 -1.67 7.70 -8.24
C ARG A 239 -1.70 7.71 -8.24
N THR A 240 -0.99 7.36 -9.30
CA THR A 240 -1.51 6.44 -10.32
C THR A 240 -0.70 5.16 -10.27
N PHE A 241 -1.17 4.17 -11.04
CA PHE A 241 -0.59 2.84 -11.04
C PHE A 241 -0.13 2.37 -12.43
N GLN A 242 0.64 1.29 -12.42
CA GLN A 242 1.25 0.69 -13.62
C GLN A 242 1.12 -0.81 -13.56
N LYS A 243 1.06 -1.46 -14.71
CA LYS A 243 1.14 -2.92 -14.81
C LYS A 243 1.56 -3.27 -16.21
N TRP A 244 2.20 -4.42 -16.38
CA TRP A 244 2.39 -4.97 -17.71
C TRP A 244 2.25 -6.46 -17.70
N ALA A 245 2.00 -6.98 -18.90
CA ALA A 245 1.87 -8.41 -19.15
C ALA A 245 2.67 -8.73 -20.40
N ALA A 246 3.40 -9.84 -20.38
CA ALA A 246 4.25 -10.22 -21.53
C ALA A 246 4.07 -11.68 -21.93
N VAL A 247 4.22 -11.93 -23.22
CA VAL A 247 4.22 -13.28 -23.79
CA VAL A 247 4.20 -13.27 -23.78
C VAL A 247 5.38 -13.43 -24.76
N VAL A 248 5.94 -14.63 -24.83
CA VAL A 248 7.00 -14.91 -25.76
C VAL A 248 6.36 -15.67 -26.88
N VAL A 249 6.60 -15.20 -28.10
CA VAL A 249 5.98 -15.76 -29.28
C VAL A 249 7.00 -16.11 -30.37
N PRO A 250 6.61 -17.01 -31.29
CA PRO A 250 7.48 -17.24 -32.43
C PRO A 250 7.56 -16.01 -33.35
N SER A 251 8.77 -15.70 -33.79
CA SER A 251 9.02 -14.64 -34.76
C SER A 251 8.15 -14.83 -35.98
N GLY A 252 7.46 -13.75 -36.37
CA GLY A 252 6.54 -13.81 -37.50
C GLY A 252 5.12 -14.16 -37.17
N GLU A 253 4.85 -14.57 -35.91
CA GLU A 253 3.51 -14.88 -35.45
C GLU A 253 2.84 -13.78 -34.61
N GLU A 254 3.46 -12.60 -34.52
CA GLU A 254 3.01 -11.53 -33.62
C GLU A 254 1.58 -11.10 -33.90
N GLN A 255 1.18 -11.16 -35.17
CA GLN A 255 -0.14 -10.69 -35.61
C GLN A 255 -1.28 -11.52 -35.04
N ARG A 256 -0.96 -12.72 -34.56
CA ARG A 256 -1.94 -13.59 -33.91
C ARG A 256 -2.28 -13.19 -32.48
N TYR A 257 -1.55 -12.25 -31.88
CA TYR A 257 -1.66 -11.95 -30.45
C TYR A 257 -2.29 -10.60 -30.22
N THR A 258 -3.23 -10.56 -29.29
CA THR A 258 -3.82 -9.29 -28.89
C THR A 258 -3.81 -9.19 -27.38
N CYS A 259 -3.69 -7.97 -26.86
CA CYS A 259 -3.70 -7.70 -25.44
C CYS A 259 -5.05 -7.08 -25.08
N HIS A 260 -5.66 -7.58 -24.01
CA HIS A 260 -6.98 -7.13 -23.60
C HIS A 260 -6.89 -6.48 -22.25
N VAL A 261 -7.40 -5.25 -22.20
CA VAL A 261 -7.30 -4.39 -21.03
C VAL A 261 -8.68 -4.04 -20.50
N GLN A 262 -8.92 -4.39 -19.23
CA GLN A 262 -10.15 -4.01 -18.56
C GLN A 262 -9.82 -3.10 -17.38
N HIS A 263 -10.46 -1.95 -17.37
CA HIS A 263 -10.31 -0.94 -16.31
C HIS A 263 -11.59 -0.12 -16.26
N GLU A 264 -11.97 0.26 -15.05
CA GLU A 264 -13.16 1.10 -14.77
C GLU A 264 -13.21 2.40 -15.55
N GLY A 265 -12.05 2.97 -15.83
CA GLY A 265 -11.93 4.24 -16.52
C GLY A 265 -12.12 4.19 -18.02
N LEU A 266 -12.07 2.99 -18.59
CA LEU A 266 -12.23 2.78 -20.01
C LEU A 266 -13.72 2.70 -20.36
N PRO A 267 -14.13 3.35 -21.44
CA PRO A 267 -15.52 3.20 -21.95
C PRO A 267 -15.88 1.73 -22.24
N LYS A 268 -14.97 1.00 -22.87
CA LYS A 268 -15.13 -0.43 -23.03
C LYS A 268 -13.74 -1.07 -22.99
N PRO A 269 -13.69 -2.39 -22.77
CA PRO A 269 -12.40 -3.07 -22.79
C PRO A 269 -11.62 -2.81 -24.07
N LEU A 270 -10.32 -2.65 -23.93
CA LEU A 270 -9.44 -2.34 -25.06
C LEU A 270 -8.84 -3.60 -25.58
N THR A 271 -8.65 -3.67 -26.91
CA THR A 271 -7.87 -4.72 -27.54
C THR A 271 -6.71 -4.02 -28.21
N LEU A 272 -5.48 -4.41 -27.85
CA LEU A 272 -4.27 -3.80 -28.38
C LEU A 272 -3.47 -4.81 -29.14
N ARG A 273 -2.59 -4.32 -29.99
N ARG A 273 -2.63 -4.34 -30.06
CA ARG A 273 -1.66 -5.15 -30.72
CA ARG A 273 -1.68 -5.22 -30.71
C ARG A 273 -0.38 -4.43 -31.07
C ARG A 273 -0.42 -4.46 -31.02
N TRP A 274 0.58 -5.16 -31.53
CA TRP A 274 1.86 -4.55 -31.82
C TRP A 274 1.70 -3.69 -33.10
N GLU A 275 1.80 -2.37 -32.91
CA GLU A 275 1.63 -1.46 -34.02
C GLU A 275 2.25 -0.11 -33.74
N MET B 1 7.45 -16.03 15.03
CA MET B 1 7.04 -14.75 14.38
C MET B 1 6.90 -14.99 12.89
N ILE B 2 5.89 -14.37 12.28
CA ILE B 2 5.73 -14.44 10.83
C ILE B 2 6.90 -13.69 10.21
N GLN B 3 7.56 -14.31 9.24
CA GLN B 3 8.46 -13.59 8.32
C GLN B 3 7.96 -13.76 6.91
N ARG B 4 7.91 -12.67 6.15
CA ARG B 4 7.60 -12.75 4.73
C ARG B 4 8.68 -11.99 3.95
N THR B 5 9.14 -12.59 2.86
CA THR B 5 10.23 -12.04 2.06
C THR B 5 9.72 -10.94 1.12
N PRO B 6 10.43 -9.81 1.03
CA PRO B 6 9.98 -8.75 0.12
C PRO B 6 10.03 -9.11 -1.36
N LYS B 7 9.01 -8.68 -2.09
CA LYS B 7 8.99 -8.62 -3.52
C LYS B 7 9.55 -7.26 -3.89
N ILE B 8 10.32 -7.19 -4.97
CA ILE B 8 10.94 -5.96 -5.39
C ILE B 8 10.71 -5.73 -6.86
N GLN B 9 10.31 -4.51 -7.23
CA GLN B 9 10.31 -4.06 -8.62
C GLN B 9 11.01 -2.72 -8.74
N VAL B 10 11.84 -2.56 -9.78
CA VAL B 10 12.53 -1.31 -10.03
C VAL B 10 12.13 -0.82 -11.40
N TYR B 11 11.79 0.46 -11.51
CA TYR B 11 11.15 0.99 -12.72
C TYR B 11 11.08 2.50 -12.66
N SER B 12 10.80 3.13 -13.81
CA SER B 12 10.60 4.55 -13.89
C SER B 12 9.14 4.92 -13.87
N ARG B 13 8.85 6.11 -13.38
CA ARG B 13 7.48 6.62 -13.32
C ARG B 13 6.87 6.76 -14.73
N HIS B 14 7.67 7.27 -15.68
CA HIS B 14 7.27 7.40 -17.10
C HIS B 14 8.25 6.62 -17.97
N PRO B 15 7.85 6.25 -19.20
CA PRO B 15 8.77 5.52 -20.08
C PRO B 15 10.06 6.32 -20.25
N ALA B 16 11.21 5.66 -20.17
CA ALA B 16 12.47 6.39 -20.11
C ALA B 16 12.78 6.92 -21.50
N GLU B 17 13.24 8.16 -21.54
CA GLU B 17 13.92 8.70 -22.72
C GLU B 17 15.16 9.44 -22.24
N ASN B 18 16.29 9.11 -22.83
CA ASN B 18 17.56 9.67 -22.42
C ASN B 18 17.51 11.18 -22.45
N GLY B 19 18.11 11.80 -21.44
CA GLY B 19 18.12 13.25 -21.28
C GLY B 19 16.84 13.92 -20.80
N LYS B 20 15.82 13.14 -20.46
CA LYS B 20 14.54 13.70 -20.05
C LYS B 20 14.27 13.31 -18.59
N SER B 21 13.93 14.31 -17.78
CA SER B 21 13.74 14.13 -16.33
C SER B 21 12.60 13.16 -16.01
N ASN B 22 12.81 12.34 -14.98
CA ASN B 22 11.92 11.21 -14.68
C ASN B 22 12.08 10.91 -13.17
N PHE B 23 11.44 9.84 -12.70
CA PHE B 23 11.61 9.34 -11.35
C PHE B 23 11.96 7.88 -11.42
N LEU B 24 12.93 7.47 -10.60
CA LEU B 24 13.31 6.10 -10.46
C LEU B 24 12.66 5.57 -9.17
N ASN B 25 12.01 4.42 -9.29
CA ASN B 25 11.22 3.83 -8.22
C ASN B 25 11.74 2.45 -7.88
N CYS B 26 11.77 2.14 -6.59
CA CYS B 26 11.96 0.80 -6.11
C CYS B 26 10.81 0.50 -5.16
N TYR B 27 9.94 -0.42 -5.59
CA TYR B 27 8.74 -0.78 -4.84
C TYR B 27 9.02 -2.09 -4.14
N VAL B 28 8.99 -2.06 -2.82
CA VAL B 28 9.20 -3.25 -2.00
CA VAL B 28 9.22 -3.24 -2.00
C VAL B 28 7.89 -3.55 -1.30
N SER B 29 7.43 -4.78 -1.40
CA SER B 29 6.13 -5.13 -0.89
C SER B 29 6.08 -6.56 -0.40
N GLY B 30 5.01 -6.89 0.32
CA GLY B 30 4.79 -8.25 0.77
C GLY B 30 5.68 -8.71 1.90
N PHE B 31 6.31 -7.80 2.61
CA PHE B 31 7.23 -8.14 3.68
C PHE B 31 6.77 -7.98 5.13
N HIS B 32 7.40 -8.74 6.00
CA HIS B 32 7.19 -8.70 7.43
C HIS B 32 8.42 -9.35 8.09
N PRO B 33 9.05 -8.83 9.21
CA PRO B 33 8.59 -7.57 9.80
C PRO B 33 8.95 -6.30 9.03
N SER B 34 8.67 -5.13 9.60
CA SER B 34 8.74 -3.86 8.87
C SER B 34 10.16 -3.30 8.67
N ASP B 35 11.13 -3.77 9.46
CA ASP B 35 12.48 -3.26 9.39
C ASP B 35 13.10 -3.67 8.06
N ILE B 36 13.53 -2.71 7.25
CA ILE B 36 14.02 -3.02 5.91
C ILE B 36 14.94 -1.89 5.48
N GLU B 37 15.97 -2.23 4.71
CA GLU B 37 16.91 -1.20 4.21
C GLU B 37 16.86 -1.24 2.72
N VAL B 38 16.64 -0.09 2.11
CA VAL B 38 16.51 0.03 0.66
C VAL B 38 17.39 1.18 0.18
N ASP B 39 18.32 0.85 -0.71
CA ASP B 39 19.15 1.87 -1.37
C ASP B 39 18.92 1.84 -2.87
N LEU B 40 18.84 3.03 -3.47
CA LEU B 40 18.90 3.20 -4.92
C LEU B 40 20.38 3.43 -5.28
N LEU B 41 20.84 2.72 -6.30
CA LEU B 41 22.26 2.78 -6.72
C LEU B 41 22.36 3.33 -8.12
N LYS B 42 23.32 4.21 -8.34
CA LYS B 42 23.64 4.74 -9.68
C LYS B 42 25.09 4.36 -9.93
N ASN B 43 25.31 3.51 -10.93
CA ASN B 43 26.61 2.93 -11.24
C ASN B 43 27.26 2.28 -10.00
N GLY B 44 26.47 1.55 -9.23
CA GLY B 44 26.98 0.86 -8.05
C GLY B 44 27.07 1.69 -6.79
N GLU B 45 26.86 3.00 -6.87
CA GLU B 45 27.01 3.87 -5.71
C GLU B 45 25.65 4.34 -5.19
N ARG B 46 25.57 4.39 -3.86
CA ARG B 46 24.35 4.83 -3.19
C ARG B 46 23.96 6.25 -3.57
N ILE B 47 22.70 6.42 -3.99
CA ILE B 47 22.17 7.73 -4.33
C ILE B 47 21.71 8.39 -3.04
N GLU B 48 22.03 9.66 -2.87
N GLU B 48 21.99 9.68 -2.88
CA GLU B 48 21.97 10.30 -1.56
CA GLU B 48 21.56 10.43 -1.68
C GLU B 48 20.61 10.86 -1.17
C GLU B 48 20.20 11.09 -1.85
N LYS B 49 19.92 11.50 -2.12
N LYS B 49 19.57 11.44 -0.73
CA LYS B 49 18.64 12.13 -1.82
CA LYS B 49 18.32 12.21 -0.75
C LYS B 49 17.48 11.20 -2.17
C LYS B 49 17.16 11.45 -1.40
N VAL B 50 17.28 10.13 -1.40
CA VAL B 50 16.20 9.20 -1.78
C VAL B 50 15.09 9.30 -0.73
N GLU B 51 13.86 9.42 -1.20
CA GLU B 51 12.69 9.54 -0.31
C GLU B 51 11.92 8.24 -0.33
N HIS B 52 11.01 8.05 0.62
CA HIS B 52 10.15 6.88 0.59
C HIS B 52 8.75 7.22 1.07
N SER B 53 7.78 6.44 0.60
CA SER B 53 6.39 6.60 1.02
C SER B 53 6.24 6.22 2.46
N ASP B 54 5.09 6.56 3.03
CA ASP B 54 4.78 6.25 4.41
C ASP B 54 4.42 4.77 4.52
N LEU B 55 4.95 4.13 5.55
CA LEU B 55 4.72 2.70 5.80
C LEU B 55 3.24 2.33 5.83
N SER B 56 2.85 1.40 4.97
CA SER B 56 1.46 0.96 4.88
C SER B 56 1.45 -0.54 4.68
N PHE B 57 0.29 -1.13 4.64
CA PHE B 57 0.22 -2.59 4.53
C PHE B 57 -1.04 -3.08 3.86
N SER B 58 -1.01 -4.33 3.40
CA SER B 58 -2.07 -4.92 2.61
C SER B 58 -3.00 -5.73 3.50
N LYS B 59 -4.03 -6.33 2.94
CA LYS B 59 -5.01 -7.08 3.75
C LYS B 59 -4.44 -8.26 4.52
N ASP B 60 -3.36 -8.88 4.03
CA ASP B 60 -2.67 -9.94 4.74
C ASP B 60 -1.66 -9.44 5.78
N TRP B 61 -1.67 -8.14 6.04
CA TRP B 61 -0.83 -7.44 7.02
C TRP B 61 0.61 -7.23 6.54
N SER B 62 0.96 -7.67 5.35
CA SER B 62 2.30 -7.48 4.81
C SER B 62 2.52 -6.02 4.39
N PHE B 63 3.73 -5.54 4.62
CA PHE B 63 4.04 -4.14 4.41
C PHE B 63 4.43 -3.80 2.97
N TYR B 64 4.24 -2.54 2.59
CA TYR B 64 4.80 -2.06 1.33
C TYR B 64 5.31 -0.63 1.47
N LEU B 65 6.34 -0.33 0.68
CA LEU B 65 6.99 0.99 0.63
C LEU B 65 7.44 1.28 -0.81
N LEU B 66 7.38 2.53 -1.23
CA LEU B 66 7.96 2.99 -2.49
C LEU B 66 9.12 3.91 -2.16
N TYR B 67 10.32 3.55 -2.64
CA TYR B 67 11.51 4.40 -2.54
C TYR B 67 11.69 5.05 -3.90
N TYR B 68 11.99 6.32 -3.94
CA TYR B 68 12.03 7.03 -5.20
C TYR B 68 12.98 8.22 -5.18
N THR B 69 13.49 8.55 -6.37
CA THR B 69 14.34 9.72 -6.55
C THR B 69 14.15 10.29 -7.97
N GLU B 70 14.28 11.61 -8.10
CA GLU B 70 14.26 12.25 -9.41
C GLU B 70 15.57 11.89 -10.11
N PHE B 71 15.50 11.54 -11.39
CA PHE B 71 16.71 11.24 -12.19
C PHE B 71 16.49 11.55 -13.67
N THR B 72 17.61 11.68 -14.39
CA THR B 72 17.59 11.86 -15.84
C THR B 72 18.36 10.72 -16.47
N PRO B 73 17.63 9.74 -17.06
CA PRO B 73 18.31 8.58 -17.62
C PRO B 73 19.23 8.94 -18.80
N THR B 74 20.32 8.19 -18.95
CA THR B 74 21.22 8.28 -20.10
C THR B 74 21.41 6.89 -20.67
N GLU B 75 22.20 6.78 -21.73
CA GLU B 75 22.53 5.48 -22.28
C GLU B 75 23.46 4.70 -21.36
N LYS B 76 24.41 5.41 -20.75
CA LYS B 76 25.53 4.80 -20.03
C LYS B 76 25.19 4.38 -18.59
N ASP B 77 24.45 5.23 -17.90
CA ASP B 77 24.23 5.10 -16.45
C ASP B 77 23.40 3.88 -16.09
N GLU B 78 23.90 3.11 -15.14
CA GLU B 78 23.22 1.89 -14.68
C GLU B 78 22.59 2.16 -13.31
N TYR B 79 21.35 1.73 -13.13
CA TYR B 79 20.62 1.98 -11.88
C TYR B 79 20.15 0.66 -11.33
N ALA B 80 19.94 0.63 -10.03
CA ALA B 80 19.53 -0.58 -9.35
C ALA B 80 18.99 -0.24 -7.99
N CYS B 81 18.38 -1.25 -7.37
CA CYS B 81 17.86 -1.15 -6.04
C CYS B 81 18.46 -2.28 -5.23
N ARG B 82 18.94 -1.97 -4.02
CA ARG B 82 19.52 -2.95 -3.11
C ARG B 82 18.71 -3.00 -1.83
N VAL B 83 18.27 -4.22 -1.47
CA VAL B 83 17.38 -4.41 -0.36
C VAL B 83 17.94 -5.41 0.62
N ASN B 84 17.91 -5.05 1.90
CA ASN B 84 18.29 -5.93 2.98
C ASN B 84 17.09 -6.14 3.91
N HIS B 85 16.86 -7.37 4.32
CA HIS B 85 15.74 -7.68 5.21
C HIS B 85 16.14 -8.95 5.93
N VAL B 86 15.56 -9.20 7.10
CA VAL B 86 15.88 -10.42 7.85
C VAL B 86 15.70 -11.71 7.06
N THR B 87 14.75 -11.71 6.13
CA THR B 87 14.47 -12.89 5.35
C THR B 87 15.47 -13.11 4.24
N LEU B 88 16.30 -12.13 3.93
CA LEU B 88 17.24 -12.28 2.83
C LEU B 88 18.63 -12.64 3.38
N SER B 89 19.24 -13.70 2.86
CA SER B 89 20.52 -14.15 3.42
C SER B 89 21.68 -13.30 2.94
N GLN B 90 21.45 -12.57 1.86
CA GLN B 90 22.34 -11.48 1.49
C GLN B 90 21.49 -10.40 0.83
N PRO B 91 22.05 -9.20 0.66
CA PRO B 91 21.28 -8.14 0.02
C PRO B 91 20.84 -8.53 -1.38
N LYS B 92 19.61 -8.19 -1.73
CA LYS B 92 19.07 -8.49 -3.05
C LYS B 92 19.22 -7.26 -3.90
N ILE B 93 19.90 -7.40 -5.03
CA ILE B 93 20.07 -6.28 -5.95
C ILE B 93 19.24 -6.55 -7.22
N VAL B 94 18.37 -5.62 -7.55
CA VAL B 94 17.56 -5.70 -8.76
C VAL B 94 17.92 -4.53 -9.68
N LYS B 95 18.33 -4.84 -10.90
CA LYS B 95 18.77 -3.81 -11.84
C LYS B 95 17.59 -3.19 -12.55
N TRP B 96 17.67 -1.90 -12.82
CA TRP B 96 16.65 -1.22 -13.59
C TRP B 96 16.80 -1.57 -15.06
N ASP B 97 15.71 -1.98 -15.68
CA ASP B 97 15.67 -2.23 -17.12
C ASP B 97 14.53 -1.42 -17.62
N ARG B 98 14.81 -0.46 -18.51
CA ARG B 98 13.79 0.48 -18.96
C ARG B 98 12.62 -0.18 -19.70
N ASP B 99 12.79 -1.43 -20.15
CA ASP B 99 11.72 -2.15 -20.82
C ASP B 99 10.86 -3.00 -19.86
N MET B 100 11.04 -2.84 -18.54
CA MET B 100 10.31 -3.62 -17.54
C MET B 100 9.87 -2.77 -16.34
N GLU C 1 -11.62 11.45 9.07
CA GLU C 1 -10.91 11.69 10.35
C GLU C 1 -10.77 10.39 11.15
N PRO C 2 -9.69 10.28 11.94
CA PRO C 2 -9.49 9.05 12.69
C PRO C 2 -10.45 8.88 13.86
N ARG C 3 -10.59 7.62 14.25
CA ARG C 3 -11.37 7.21 15.41
C ARG C 3 -10.61 7.60 16.68
N SEP C 4 -11.33 8.00 17.73
CA SEP C 4 -10.72 8.33 19.01
CA SEP C 4 -10.71 8.35 19.00
CB SEP C 4 -11.76 8.90 19.98
CB SEP C 4 -11.68 9.09 19.92
OG SEP C 4 -12.14 10.16 19.46
OG SEP C 4 -12.68 8.21 20.41
C SEP C 4 -10.14 7.09 19.62
O SEP C 4 -10.60 6.01 19.34
P SEP C 4 -13.34 10.99 20.13
P SEP C 4 -13.65 8.72 21.59
O1P SEP C 4 -13.62 12.10 19.13
O1P SEP C 4 -13.59 10.22 21.48
O2P SEP C 4 -14.45 9.97 20.33
O2P SEP C 4 -14.98 8.08 21.21
O3P SEP C 4 -12.69 11.44 21.42
O3P SEP C 4 -13.03 8.20 22.86
N PRO C 5 -9.10 7.24 20.47
CA PRO C 5 -8.35 6.05 20.91
C PRO C 5 -9.13 4.93 21.56
N SER C 6 -8.71 3.70 21.26
CA SER C 6 -9.27 2.52 21.91
C SER C 6 -8.79 2.43 23.35
N HIS C 7 -9.41 1.57 24.15
CA HIS C 7 -8.79 1.00 25.35
C HIS C 7 -7.61 0.15 24.89
N SER C 8 -6.65 -0.07 25.79
CA SER C 8 -5.53 -0.93 25.48
C SER C 8 -6.04 -2.35 25.40
N MET C 9 -5.24 -3.17 24.76
CA MET C 9 -5.53 -4.60 24.63
C MET C 9 -5.20 -5.36 25.90
C1 GLC D . 4.77 -3.63 35.24
C2 GLC D . 4.49 -2.21 35.77
C3 GLC D . 5.54 -1.72 36.79
C4 GLC D . 5.82 -2.75 37.89
C5 GLC D . 5.98 -4.15 37.26
C6 GLC D . 6.13 -5.22 38.34
O2 GLC D . 4.42 -1.27 34.68
O3 GLC D . 5.05 -0.46 37.31
O4 GLC D . 7.00 -2.45 38.67
O5 GLC D . 4.88 -4.49 36.38
O6 GLC D . 4.95 -5.29 39.16
C1 FRU D . 5.78 -3.76 32.07
C2 FRU D . 6.11 -4.55 33.34
C3 FRU D . 7.53 -5.11 33.31
C4 FRU D . 7.42 -6.34 34.18
C5 FRU D . 6.04 -6.87 33.82
C6 FRU D . 5.45 -7.67 34.96
O1 FRU D . 6.07 -4.47 30.85
O2 FRU D . 6.00 -3.67 34.47
O3 FRU D . 8.53 -4.18 33.78
O4 FRU D . 8.43 -7.34 33.97
O5 FRU D . 5.25 -5.71 33.47
O6 FRU D . 4.13 -8.11 34.65
#